data_4GAI
#
_entry.id   4GAI
#
_cell.length_a   43.392
_cell.length_b   66.910
_cell.length_c   216.266
_cell.angle_alpha   90.000
_cell.angle_beta   90.000
_cell.angle_gamma   90.000
#
_symmetry.space_group_name_H-M   'C 2 2 21'
#
loop_
_entity.id
_entity.type
_entity.pdbx_description
1 polymer EBI-005
2 water water
#
_entity_poly.entity_id   1
_entity_poly.type   'polypeptide(L)'
_entity_poly.pdbx_seq_one_letter_code
;APVRSLNCRIWDVNQKTFYLRNNQLVAGYLQGPNVNLEEKFSMSFVQGEESNDKIPVALGLKEKNLYLSCVLKDDKPTLQ
LESVDPKNYPKKKMEKRFVFNKIEINNKLEFESAQFPNWFLCTAMEADQPVSLTNMPDEGVMVTKFYMQFVSS
;
_entity_poly.pdbx_strand_id   A,B
#
# COMPACT_ATOMS: atom_id res chain seq x y z
N ALA A 1 9.23 -19.26 18.67
CA ALA A 1 8.57 -18.61 17.49
C ALA A 1 9.34 -17.40 17.02
N PRO A 2 9.86 -17.45 15.76
CA PRO A 2 10.50 -16.29 15.17
C PRO A 2 9.60 -15.09 15.19
N VAL A 3 10.21 -13.92 15.10
CA VAL A 3 9.46 -12.68 14.92
C VAL A 3 8.57 -12.82 13.66
N ARG A 4 7.37 -12.25 13.72
CA ARG A 4 6.52 -12.19 12.51
C ARG A 4 7.04 -11.13 11.59
N SER A 5 7.28 -11.54 10.34
CA SER A 5 7.69 -10.62 9.31
C SER A 5 6.81 -10.80 8.10
N LEU A 6 6.58 -9.71 7.40
CA LEU A 6 5.82 -9.78 6.17
C LEU A 6 6.47 -8.87 5.16
N ASN A 7 6.52 -9.31 3.88
CA ASN A 7 7.02 -8.48 2.84
C ASN A 7 5.96 -7.51 2.37
N CYS A 8 6.39 -6.31 2.00
CA CYS A 8 5.43 -5.28 1.56
C CYS A 8 6.04 -4.28 0.63
N ARG A 9 5.19 -3.59 -0.09
CA ARG A 9 5.55 -2.35 -0.77
C ARG A 9 5.07 -1.19 0.08
N ILE A 10 5.88 -0.12 0.15
CA ILE A 10 5.50 1.11 0.84
C ILE A 10 5.80 2.23 -0.12
N TRP A 11 4.86 3.15 -0.27
CA TRP A 11 5.08 4.32 -1.18
C TRP A 11 4.43 5.49 -0.56
N ASP A 12 4.89 6.68 -0.91
CA ASP A 12 4.35 7.86 -0.23
C ASP A 12 3.05 8.35 -0.84
N VAL A 13 2.36 9.28 -0.15
CA VAL A 13 1.08 9.77 -0.64
C VAL A 13 1.16 10.67 -1.89
N ASN A 14 2.38 11.08 -2.24
CA ASN A 14 2.63 11.79 -3.49
C ASN A 14 3.03 10.81 -4.61
N GLN A 15 2.89 9.51 -4.32
CA GLN A 15 3.16 8.43 -5.26
C GLN A 15 4.64 8.16 -5.56
N LYS A 16 5.54 8.72 -4.77
CA LYS A 16 6.94 8.35 -4.94
C LYS A 16 7.23 6.97 -4.35
N THR A 17 8.16 6.28 -4.99
CA THR A 17 8.52 4.95 -4.60
C THR A 17 9.99 4.90 -4.19
N PHE A 18 10.35 3.91 -3.40
CA PHE A 18 11.72 3.87 -2.81
C PHE A 18 12.67 3.04 -3.66
N TYR A 19 13.88 3.52 -3.79
CA TYR A 19 14.96 2.75 -4.41
C TYR A 19 16.30 3.13 -3.81
N LEU A 20 17.33 2.34 -4.09
CA LEU A 20 18.67 2.63 -3.58
C LEU A 20 19.50 3.45 -4.56
N ARG A 21 20.20 4.44 -4.02
CA ARG A 21 21.20 5.17 -4.78
C ARG A 21 22.42 5.40 -3.92
N ASN A 22 23.60 5.25 -4.53
CA ASN A 22 24.85 5.41 -3.79
C ASN A 22 24.70 4.86 -2.36
N ASN A 23 24.07 3.69 -2.24
CA ASN A 23 23.67 3.10 -0.95
C ASN A 23 22.86 3.97 0.06
N GLN A 24 22.12 4.95 -0.46
CA GLN A 24 21.14 5.67 0.34
C GLN A 24 19.76 5.30 -0.14
N LEU A 25 18.78 5.30 0.75
CA LEU A 25 17.40 5.08 0.36
C LEU A 25 16.85 6.42 -0.15
N VAL A 26 16.30 6.40 -1.38
CA VAL A 26 15.78 7.62 -1.98
CA VAL A 26 15.81 7.61 -2.01
C VAL A 26 14.35 7.36 -2.46
N ALA A 27 13.59 8.42 -2.67
CA ALA A 27 12.21 8.30 -3.17
C ALA A 27 12.03 9.09 -4.44
N GLY A 28 11.48 8.45 -5.49
CA GLY A 28 11.29 9.18 -6.74
C GLY A 28 10.21 8.53 -7.60
N TYR A 29 10.10 9.03 -8.79
CA TYR A 29 9.11 8.56 -9.74
C TYR A 29 9.72 7.65 -10.74
N LEU A 30 9.81 6.38 -10.40
CA LEU A 30 10.43 5.40 -11.27
C LEU A 30 9.50 5.12 -12.40
N GLN A 31 10.05 5.02 -13.59
CA GLN A 31 9.24 4.70 -14.76
C GLN A 31 10.01 3.83 -15.75
N GLY A 32 9.27 3.22 -16.67
CA GLY A 32 9.87 2.33 -17.68
C GLY A 32 10.59 1.18 -17.00
N PRO A 33 11.77 0.80 -17.54
CA PRO A 33 12.54 -0.34 -16.98
C PRO A 33 12.99 -0.10 -15.52
N ASN A 34 13.12 1.16 -15.15
CA ASN A 34 13.58 1.50 -13.80
C ASN A 34 12.60 1.11 -12.71
N VAL A 35 11.36 0.77 -13.07
CA VAL A 35 10.38 0.39 -12.05
C VAL A 35 10.85 -0.85 -11.29
N ASN A 36 11.72 -1.65 -11.92
CA ASN A 36 12.27 -2.83 -11.28
CA ASN A 36 12.23 -2.83 -11.26
C ASN A 36 13.31 -2.54 -10.21
N LEU A 37 13.71 -1.27 -10.09
CA LEU A 37 14.58 -0.83 -8.99
C LEU A 37 13.82 -0.64 -7.68
N GLU A 38 12.49 -0.67 -7.71
CA GLU A 38 11.73 -0.42 -6.47
C GLU A 38 12.14 -1.42 -5.39
N GLU A 39 12.44 -0.91 -4.20
CA GLU A 39 12.77 -1.78 -3.07
C GLU A 39 11.55 -2.13 -2.28
N LYS A 40 11.28 -3.44 -2.15
CA LYS A 40 10.27 -3.97 -1.23
C LYS A 40 10.89 -4.04 0.18
N PHE A 41 10.04 -4.08 1.18
CA PHE A 41 10.45 -4.10 2.56
C PHE A 41 10.06 -5.37 3.21
N SER A 42 10.90 -5.82 4.14
N SER A 42 10.86 -5.78 4.19
CA SER A 42 10.48 -6.81 5.11
CA SER A 42 10.48 -6.84 5.11
C SER A 42 10.13 -6.00 6.35
C SER A 42 10.15 -6.21 6.47
N MET A 43 8.87 -6.12 6.78
CA MET A 43 8.40 -5.50 8.00
C MET A 43 8.26 -6.54 9.09
N SER A 44 9.04 -6.31 10.17
CA SER A 44 9.01 -7.23 11.27
C SER A 44 8.29 -6.59 12.45
N PHE A 45 7.45 -7.34 13.11
CA PHE A 45 6.66 -6.86 14.24
C PHE A 45 7.38 -7.15 15.55
N VAL A 46 8.17 -6.19 15.98
CA VAL A 46 9.19 -6.35 17.00
C VAL A 46 8.66 -5.96 18.37
N GLN A 47 9.45 -6.24 19.41
CA GLN A 47 9.11 -5.79 20.75
CA GLN A 47 9.16 -5.79 20.79
C GLN A 47 9.32 -4.28 20.89
N GLY A 48 8.37 -3.64 21.53
CA GLY A 48 8.44 -2.24 21.73
C GLY A 48 7.47 -1.88 22.80
N GLU A 49 7.12 -0.61 22.87
CA GLU A 49 6.29 -0.14 23.94
C GLU A 49 4.85 -0.55 23.73
N GLU A 50 4.22 -1.02 24.81
CA GLU A 50 2.78 -1.22 24.80
C GLU A 50 2.07 0.08 24.41
N SER A 51 1.03 -0.03 23.60
CA SER A 51 0.35 1.14 23.06
C SER A 51 -1.06 0.80 22.59
N ASN A 52 -1.97 1.75 22.75
CA ASN A 52 -3.33 1.57 22.23
C ASN A 52 -3.35 1.51 20.70
N ASP A 53 -2.48 2.28 20.04
CA ASP A 53 -2.60 2.56 18.62
CA ASP A 53 -2.61 2.52 18.61
C ASP A 53 -1.33 2.26 17.78
N LYS A 54 -0.16 2.51 18.37
CA LYS A 54 1.08 2.34 17.62
C LYS A 54 1.55 0.89 17.63
N ILE A 55 2.18 0.49 16.54
CA ILE A 55 2.67 -0.88 16.40
C ILE A 55 4.17 -0.77 16.08
N PRO A 56 5.03 -1.27 16.99
CA PRO A 56 6.49 -1.23 16.69
C PRO A 56 6.88 -2.18 15.54
N VAL A 57 7.65 -1.65 14.61
CA VAL A 57 8.14 -2.41 13.49
C VAL A 57 9.59 -2.11 13.22
N ALA A 58 10.27 -3.03 12.56
CA ALA A 58 11.57 -2.77 11.92
C ALA A 58 11.36 -2.95 10.48
N LEU A 59 12.11 -2.16 9.71
CA LEU A 59 11.98 -2.11 8.26
C LEU A 59 13.27 -2.40 7.56
N GLY A 60 13.30 -3.54 6.90
CA GLY A 60 14.48 -3.93 6.19
C GLY A 60 14.22 -3.96 4.70
N LEU A 61 15.23 -3.75 3.90
CA LEU A 61 15.05 -3.85 2.48
CA LEU A 61 15.07 -3.86 2.46
C LEU A 61 15.10 -5.32 2.11
N LYS A 62 14.04 -5.80 1.43
CA LYS A 62 13.86 -7.25 1.23
C LYS A 62 15.11 -7.90 0.61
N GLU A 63 15.62 -8.94 1.30
CA GLU A 63 16.75 -9.77 0.88
C GLU A 63 18.10 -9.08 0.81
N LYS A 64 18.13 -7.82 1.27
CA LYS A 64 19.38 -7.07 1.26
C LYS A 64 20.13 -6.96 2.60
N ASN A 65 19.51 -7.40 3.68
CA ASN A 65 20.17 -7.30 5.03
C ASN A 65 20.60 -5.86 5.29
N LEU A 66 19.70 -4.93 5.01
CA LEU A 66 19.88 -3.50 5.23
C LEU A 66 18.68 -3.00 5.88
N TYR A 67 18.83 -2.45 7.08
CA TYR A 67 17.71 -1.94 7.84
C TYR A 67 17.69 -0.41 7.95
N LEU A 68 16.51 0.17 7.87
CA LEU A 68 16.36 1.62 8.20
C LEU A 68 16.67 1.80 9.66
N SER A 69 17.44 2.83 9.98
CA SER A 69 17.79 3.10 11.38
CA SER A 69 17.77 3.10 11.38
C SER A 69 17.88 4.59 11.62
N CYS A 70 17.75 4.96 12.87
CA CYS A 70 17.78 6.36 13.28
C CYS A 70 18.93 6.62 14.18
N VAL A 71 19.74 7.59 13.81
CA VAL A 71 20.96 7.95 14.60
C VAL A 71 21.11 9.46 14.63
N LEU A 72 21.82 9.97 15.64
CA LEU A 72 22.14 11.39 15.67
CA LEU A 72 22.12 11.38 15.68
C LEU A 72 23.29 11.65 14.72
N LYS A 73 23.14 12.64 13.88
CA LYS A 73 24.21 13.07 13.02
C LYS A 73 24.22 14.56 13.04
N ASP A 74 25.36 15.15 13.41
CA ASP A 74 25.44 16.55 13.65
C ASP A 74 24.27 17.05 14.52
N ASP A 75 24.01 16.28 15.57
CA ASP A 75 23.03 16.63 16.59
C ASP A 75 21.60 16.62 16.12
N LYS A 76 21.32 15.95 14.99
CA LYS A 76 19.96 15.89 14.45
C LYS A 76 19.60 14.43 14.17
N PRO A 77 18.42 13.97 14.63
CA PRO A 77 18.04 12.60 14.22
C PRO A 77 18.03 12.44 12.72
N THR A 78 18.67 11.35 12.27
CA THR A 78 18.95 11.16 10.87
C THR A 78 18.69 9.69 10.49
N LEU A 79 18.12 9.51 9.29
CA LEU A 79 17.90 8.18 8.73
C LEU A 79 19.15 7.67 8.08
N GLN A 80 19.56 6.45 8.44
CA GLN A 80 20.62 5.78 7.70
C GLN A 80 20.37 4.28 7.57
N LEU A 81 20.85 3.71 6.49
CA LEU A 81 20.70 2.28 6.26
C LEU A 81 21.86 1.57 6.88
N GLU A 82 21.57 0.58 7.72
CA GLU A 82 22.65 -0.16 8.38
C GLU A 82 22.68 -1.62 7.90
N SER A 83 23.84 -2.15 7.58
CA SER A 83 23.96 -3.54 7.22
C SER A 83 23.82 -4.34 8.47
N VAL A 84 23.11 -5.47 8.37
CA VAL A 84 22.97 -6.39 9.49
C VAL A 84 23.36 -7.77 9.12
N ASP A 85 23.72 -8.53 10.13
CA ASP A 85 24.08 -9.91 9.94
C ASP A 85 22.85 -10.82 9.91
N PRO A 86 22.60 -11.51 8.75
CA PRO A 86 21.37 -12.33 8.66
C PRO A 86 21.36 -13.52 9.61
N LYS A 87 22.49 -13.82 10.24
CA LYS A 87 22.53 -14.87 11.26
C LYS A 87 21.79 -14.42 12.54
N ASN A 88 21.64 -13.13 12.70
CA ASN A 88 21.05 -12.59 13.92
C ASN A 88 19.80 -11.74 13.71
N TYR A 89 19.61 -11.25 12.49
CA TYR A 89 18.51 -10.32 12.25
C TYR A 89 17.66 -10.75 11.11
N PRO A 90 16.36 -10.40 11.15
CA PRO A 90 15.66 -9.67 12.23
C PRO A 90 15.41 -10.64 13.41
N LYS A 91 14.97 -10.07 14.51
CA LYS A 91 14.68 -10.79 15.73
CA LYS A 91 14.60 -10.84 15.67
C LYS A 91 13.57 -10.04 16.46
N LYS A 92 13.02 -10.62 17.49
CA LYS A 92 11.95 -9.96 18.25
CA LYS A 92 11.95 -9.96 18.23
C LYS A 92 12.46 -8.71 18.96
N LYS A 93 13.62 -8.83 19.58
CA LYS A 93 14.20 -7.68 20.36
C LYS A 93 15.28 -6.98 19.57
N MET A 94 14.88 -6.10 18.67
CA MET A 94 15.86 -5.34 17.90
C MET A 94 16.24 -4.08 18.64
N GLU A 95 17.46 -3.61 18.41
CA GLU A 95 17.93 -2.39 19.05
C GLU A 95 17.06 -1.21 18.67
N LYS A 96 16.93 -0.26 19.59
CA LYS A 96 15.96 0.79 19.42
C LYS A 96 16.17 1.66 18.21
N ARG A 97 17.43 1.76 17.73
CA ARG A 97 17.66 2.61 16.54
C ARG A 97 16.90 2.07 15.29
N PHE A 98 16.55 0.77 15.31
CA PHE A 98 15.85 0.11 14.20
C PHE A 98 14.33 0.19 14.33
N VAL A 99 13.82 0.63 15.49
CA VAL A 99 12.39 0.48 15.75
C VAL A 99 11.63 1.77 15.36
N PHE A 100 10.57 1.56 14.61
CA PHE A 100 9.64 2.64 14.24
C PHE A 100 8.29 2.31 14.79
N ASN A 101 7.57 3.31 15.31
CA ASN A 101 6.19 3.07 15.71
C ASN A 101 5.31 3.35 14.50
N LYS A 102 4.69 2.32 13.98
CA LYS A 102 3.76 2.44 12.87
C LYS A 102 2.41 2.91 13.36
N ILE A 103 1.96 4.03 12.78
CA ILE A 103 0.76 4.72 13.18
C ILE A 103 -0.17 4.76 11.97
N GLU A 104 -1.38 4.23 12.13
CA GLU A 104 -2.33 4.21 11.01
C GLU A 104 -3.52 5.12 11.29
N ILE A 105 -3.79 6.06 10.37
CA ILE A 105 -4.94 6.94 10.41
C ILE A 105 -5.46 7.01 8.96
N ASN A 106 -6.73 6.68 8.80
CA ASN A 106 -7.40 6.72 7.47
C ASN A 106 -6.68 5.80 6.49
N ASN A 107 -6.14 4.71 7.02
CA ASN A 107 -5.37 3.73 6.27
C ASN A 107 -4.11 4.26 5.60
N LYS A 108 -3.62 5.41 6.05
CA LYS A 108 -2.29 5.87 5.69
C LYS A 108 -1.39 5.70 6.91
N LEU A 109 -0.11 5.49 6.66
CA LEU A 109 0.83 5.16 7.75
CA LEU A 109 0.83 5.13 7.75
C LEU A 109 1.81 6.27 7.97
N GLU A 110 2.14 6.50 9.24
CA GLU A 110 3.33 7.27 9.57
C GLU A 110 4.26 6.33 10.33
N PHE A 111 5.56 6.58 10.27
CA PHE A 111 6.55 5.77 11.01
C PHE A 111 7.35 6.69 11.92
N GLU A 112 7.05 6.62 13.20
CA GLU A 112 7.73 7.47 14.18
CA GLU A 112 7.71 7.48 14.21
C GLU A 112 8.95 6.78 14.72
N SER A 113 10.10 7.46 14.74
CA SER A 113 11.27 6.83 15.38
C SER A 113 11.01 6.53 16.88
N ALA A 114 11.28 5.28 17.31
CA ALA A 114 11.18 4.97 18.73
C ALA A 114 12.38 5.55 19.49
N GLN A 115 13.55 5.59 18.82
CA GLN A 115 14.74 6.18 19.43
C GLN A 115 14.62 7.70 19.66
N PHE A 116 13.97 8.36 18.70
CA PHE A 116 13.79 9.78 18.78
C PHE A 116 12.29 10.12 18.64
N PRO A 117 11.59 10.07 19.74
CA PRO A 117 10.18 10.32 19.65
C PRO A 117 9.86 11.65 18.98
N ASN A 118 8.75 11.61 18.24
CA ASN A 118 8.24 12.80 17.51
C ASN A 118 9.02 13.12 16.27
N TRP A 119 9.98 12.26 15.90
CA TRP A 119 10.64 12.35 14.56
C TRP A 119 10.07 11.27 13.68
N PHE A 120 9.65 11.65 12.47
CA PHE A 120 8.89 10.78 11.56
C PHE A 120 9.64 10.56 10.27
N LEU A 121 9.57 9.33 9.75
CA LEU A 121 10.10 9.01 8.42
C LEU A 121 9.44 9.96 7.40
N CYS A 122 10.25 10.48 6.52
CA CYS A 122 9.72 11.44 5.54
C CYS A 122 10.42 11.38 4.20
N THR A 123 9.72 11.88 3.17
CA THR A 123 10.37 12.15 1.88
C THR A 123 10.27 13.57 1.55
N ALA A 124 11.20 14.06 0.74
CA ALA A 124 11.11 15.40 0.18
C ALA A 124 9.97 15.50 -0.81
N MET A 125 9.48 16.71 -1.07
CA MET A 125 8.59 16.93 -2.19
C MET A 125 9.32 16.73 -3.54
N GLU A 126 10.56 17.20 -3.63
CA GLU A 126 11.39 16.97 -4.80
C GLU A 126 11.68 15.48 -4.94
N ALA A 127 11.77 15.02 -6.18
CA ALA A 127 12.09 13.64 -6.44
C ALA A 127 13.57 13.34 -6.32
N ASP A 128 13.85 12.07 -5.98
CA ASP A 128 15.17 11.49 -6.11
C ASP A 128 16.14 12.05 -5.06
N GLN A 129 15.55 12.43 -3.95
CA GLN A 129 16.31 12.84 -2.75
C GLN A 129 16.28 11.79 -1.69
N PRO A 130 17.28 11.83 -0.77
CA PRO A 130 17.25 10.85 0.29
C PRO A 130 16.00 10.91 1.20
N VAL A 131 15.57 9.73 1.66
CA VAL A 131 14.57 9.63 2.68
C VAL A 131 15.21 10.17 3.97
N SER A 132 14.36 10.76 4.81
CA SER A 132 14.88 11.50 5.97
C SER A 132 13.95 11.30 7.20
N LEU A 133 14.21 12.06 8.26
CA LEU A 133 13.29 12.16 9.41
C LEU A 133 13.01 13.63 9.68
N THR A 134 11.81 13.87 10.20
CA THR A 134 11.40 15.26 10.53
C THR A 134 10.56 15.31 11.80
N ASN A 135 10.79 16.31 12.65
CA ASN A 135 9.88 16.52 13.79
C ASN A 135 8.95 17.68 13.53
N MET A 136 8.87 18.10 12.27
CA MET A 136 8.00 19.22 11.95
C MET A 136 7.22 18.82 10.77
N PRO A 137 6.46 17.74 10.88
CA PRO A 137 5.75 17.19 9.77
C PRO A 137 4.77 18.16 9.13
N ASP A 138 4.26 19.12 9.90
CA ASP A 138 3.21 19.98 9.39
C ASP A 138 3.74 21.31 8.87
N GLU A 139 5.07 21.42 8.79
N GLU A 139 5.06 21.42 8.76
CA GLU A 139 5.74 22.58 8.13
CA GLU A 139 5.67 22.59 8.11
C GLU A 139 6.22 22.18 6.75
C GLU A 139 6.21 22.19 6.74
N GLY A 140 6.30 23.15 5.84
CA GLY A 140 6.89 22.94 4.54
C GLY A 140 6.14 21.90 3.76
N VAL A 141 6.84 21.26 2.85
CA VAL A 141 6.17 20.41 1.92
C VAL A 141 6.66 18.92 1.97
N MET A 142 7.44 18.57 3.03
CA MET A 142 7.86 17.15 3.25
CA MET A 142 7.85 17.14 3.26
C MET A 142 6.65 16.22 3.43
N VAL A 143 6.83 14.98 3.07
CA VAL A 143 5.76 13.98 3.04
C VAL A 143 6.01 12.97 4.13
N THR A 144 5.04 12.80 5.04
CA THR A 144 5.25 11.87 6.16
C THR A 144 4.18 10.79 6.20
N LYS A 145 3.34 10.73 5.15
CA LYS A 145 2.26 9.70 5.11
C LYS A 145 2.52 8.75 3.97
N PHE A 146 2.22 7.47 4.23
CA PHE A 146 2.56 6.38 3.30
C PHE A 146 1.42 5.45 3.10
N TYR A 147 1.36 4.88 1.89
CA TYR A 147 0.49 3.73 1.65
C TYR A 147 1.29 2.42 1.77
N MET A 148 0.61 1.29 2.02
CA MET A 148 1.33 0.02 2.00
CA MET A 148 1.30 0.00 2.13
C MET A 148 0.48 -1.10 1.46
N GLN A 149 1.17 -2.09 0.91
CA GLN A 149 0.55 -3.27 0.33
C GLN A 149 1.41 -4.45 0.68
N PHE A 150 0.89 -5.37 1.48
CA PHE A 150 1.58 -6.66 1.70
C PHE A 150 1.59 -7.45 0.45
N VAL A 151 2.71 -8.13 0.20
CA VAL A 151 2.88 -8.85 -1.05
C VAL A 151 3.35 -10.25 -0.79
N SER A 152 3.21 -11.13 -1.78
CA SER A 152 3.80 -12.46 -1.71
C SER A 152 3.32 -13.38 -2.85
N ALA B 1 -26.04 -1.34 13.47
CA ALA B 1 -25.55 -2.42 12.55
C ALA B 1 -24.19 -2.09 11.94
N PRO B 2 -23.32 -3.11 11.85
CA PRO B 2 -22.06 -2.96 11.15
C PRO B 2 -22.28 -2.98 9.64
N VAL B 3 -21.28 -2.56 8.89
CA VAL B 3 -21.33 -2.58 7.45
C VAL B 3 -21.73 -3.98 6.93
N ARG B 4 -22.63 -4.01 5.94
CA ARG B 4 -22.98 -5.25 5.23
C ARG B 4 -21.99 -5.48 4.10
N SER B 5 -21.38 -6.67 4.09
CA SER B 5 -20.43 -7.08 3.05
C SER B 5 -20.88 -8.38 2.41
N LEU B 6 -20.73 -8.48 1.10
CA LEU B 6 -21.11 -9.71 0.38
C LEU B 6 -19.96 -10.24 -0.44
N ASN B 7 -19.76 -11.55 -0.40
CA ASN B 7 -18.76 -12.19 -1.23
C ASN B 7 -19.30 -12.38 -2.65
N CYS B 8 -18.46 -12.09 -3.65
CA CYS B 8 -18.91 -12.16 -5.04
C CYS B 8 -17.77 -12.39 -6.03
N ARG B 9 -18.15 -12.88 -7.21
CA ARG B 9 -17.28 -12.95 -8.35
C ARG B 9 -17.68 -11.81 -9.26
N ILE B 10 -16.70 -11.08 -9.78
CA ILE B 10 -16.94 -10.01 -10.72
C ILE B 10 -16.06 -10.29 -11.95
N TRP B 11 -16.65 -10.19 -13.14
CA TRP B 11 -15.89 -10.31 -14.37
C TRP B 11 -16.38 -9.29 -15.37
N ASP B 12 -15.58 -8.98 -16.38
CA ASP B 12 -16.05 -7.97 -17.32
C ASP B 12 -16.98 -8.55 -18.38
N VAL B 13 -17.65 -7.69 -19.11
CA VAL B 13 -18.67 -8.18 -20.06
C VAL B 13 -18.07 -8.96 -21.24
N ASN B 14 -16.73 -8.88 -21.39
CA ASN B 14 -16.02 -9.71 -22.37
C ASN B 14 -15.44 -10.97 -21.75
N GLN B 15 -15.92 -11.29 -20.54
CA GLN B 15 -15.53 -12.48 -19.79
C GLN B 15 -14.09 -12.46 -19.26
N LYS B 16 -13.45 -11.31 -19.21
CA LYS B 16 -12.12 -11.25 -18.59
C LYS B 16 -12.26 -11.34 -17.07
N THR B 17 -11.34 -12.08 -16.44
CA THR B 17 -11.30 -12.25 -15.00
C THR B 17 -10.14 -11.53 -14.34
N PHE B 18 -10.34 -11.18 -13.10
CA PHE B 18 -9.34 -10.43 -12.31
C PHE B 18 -8.33 -11.36 -11.66
N TYR B 19 -7.05 -10.98 -11.69
CA TYR B 19 -6.03 -11.72 -10.94
C TYR B 19 -4.89 -10.79 -10.62
N LEU B 20 -4.00 -11.21 -9.74
CA LEU B 20 -2.81 -10.39 -9.47
C LEU B 20 -1.62 -10.84 -10.29
N ARG B 21 -0.95 -9.89 -10.90
CA ARG B 21 0.32 -10.13 -11.55
C ARG B 21 1.31 -9.11 -11.08
N ASN B 22 2.44 -9.58 -10.56
CA ASN B 22 3.47 -8.70 -9.98
C ASN B 22 2.82 -7.64 -9.09
N ASN B 23 1.95 -8.09 -8.19
CA ASN B 23 1.31 -7.24 -7.20
C ASN B 23 0.36 -6.17 -7.74
N GLN B 24 -0.03 -6.30 -9.02
CA GLN B 24 -1.02 -5.38 -9.62
C GLN B 24 -2.27 -6.17 -10.04
N LEU B 25 -3.42 -5.56 -9.88
CA LEU B 25 -4.67 -6.13 -10.37
C LEU B 25 -4.73 -6.04 -11.88
N VAL B 26 -4.93 -7.19 -12.54
CA VAL B 26 -4.97 -7.24 -13.99
C VAL B 26 -6.19 -8.03 -14.37
N ALA B 27 -6.58 -7.98 -15.65
CA ALA B 27 -7.77 -8.72 -16.14
C ALA B 27 -7.41 -9.47 -17.40
N GLY B 28 -7.74 -10.74 -17.46
CA GLY B 28 -7.43 -11.50 -18.66
C GLY B 28 -8.15 -12.83 -18.71
N TYR B 29 -7.70 -13.67 -19.64
CA TYR B 29 -8.30 -14.96 -19.86
C TYR B 29 -7.34 -16.00 -19.33
N LEU B 30 -7.75 -16.65 -18.25
CA LEU B 30 -6.88 -17.59 -17.56
C LEU B 30 -7.00 -18.99 -18.12
N GLN B 31 -5.87 -19.69 -18.23
CA GLN B 31 -5.89 -21.02 -18.80
C GLN B 31 -5.26 -22.07 -17.87
N GLY B 32 -5.79 -23.28 -17.93
CA GLY B 32 -5.24 -24.42 -17.21
C GLY B 32 -5.23 -24.16 -15.73
N PRO B 33 -4.11 -24.47 -15.07
CA PRO B 33 -3.97 -24.21 -13.64
C PRO B 33 -4.10 -22.73 -13.28
N ASN B 34 -3.82 -21.82 -14.24
CA ASN B 34 -3.93 -20.37 -13.96
C ASN B 34 -5.34 -19.91 -13.62
N VAL B 35 -6.35 -20.73 -13.91
CA VAL B 35 -7.73 -20.36 -13.49
C VAL B 35 -7.81 -20.17 -11.96
N ASN B 36 -6.86 -20.78 -11.26
CA ASN B 36 -6.83 -20.71 -9.82
C ASN B 36 -6.34 -19.41 -9.29
N LEU B 37 -5.85 -18.54 -10.18
CA LEU B 37 -5.37 -17.21 -9.77
C LEU B 37 -6.49 -16.18 -9.66
N GLU B 38 -7.68 -16.55 -10.08
CA GLU B 38 -8.79 -15.62 -10.09
C GLU B 38 -9.10 -15.06 -8.69
N GLU B 39 -9.16 -13.75 -8.57
CA GLU B 39 -9.53 -13.13 -7.31
C GLU B 39 -11.01 -12.98 -7.23
N LYS B 40 -11.56 -13.28 -6.07
CA LYS B 40 -12.94 -12.90 -5.77
C LYS B 40 -12.97 -11.69 -4.88
N PHE B 41 -14.16 -11.17 -4.63
CA PHE B 41 -14.32 -9.87 -4.01
C PHE B 41 -15.20 -9.93 -2.78
N SER B 42 -14.91 -9.03 -1.84
CA SER B 42 -15.84 -8.70 -0.77
CA SER B 42 -15.84 -8.72 -0.78
C SER B 42 -16.34 -7.30 -1.04
N MET B 43 -17.64 -7.18 -1.31
CA MET B 43 -18.26 -5.88 -1.61
C MET B 43 -19.00 -5.39 -0.35
N SER B 44 -18.61 -4.22 0.14
CA SER B 44 -19.23 -3.64 1.33
C SER B 44 -20.12 -2.50 0.94
N PHE B 45 -21.30 -2.42 1.55
CA PHE B 45 -22.20 -1.30 1.30
C PHE B 45 -22.00 -0.21 2.30
N VAL B 46 -21.39 0.88 1.84
CA VAL B 46 -20.83 1.88 2.73
C VAL B 46 -21.65 3.17 2.74
N GLN B 47 -21.22 4.14 3.54
CA GLN B 47 -21.88 5.44 3.69
C GLN B 47 -21.52 6.43 2.55
N ILE B 55 -25.46 4.08 -5.12
CA ILE B 55 -25.18 2.97 -4.23
C ILE B 55 -23.64 2.83 -4.01
N PRO B 56 -23.16 3.44 -2.95
CA PRO B 56 -21.73 3.41 -2.73
C PRO B 56 -21.26 2.09 -2.14
N VAL B 57 -20.17 1.57 -2.69
CA VAL B 57 -19.60 0.32 -2.20
C VAL B 57 -18.07 0.43 -2.08
N ALA B 58 -17.49 -0.46 -1.32
CA ALA B 58 -16.05 -0.67 -1.35
C ALA B 58 -15.79 -2.08 -1.86
N LEU B 59 -14.62 -2.26 -2.51
CA LEU B 59 -14.27 -3.52 -3.15
C LEU B 59 -12.92 -3.98 -2.60
N GLY B 60 -12.94 -5.09 -1.89
CA GLY B 60 -11.73 -5.76 -1.39
C GLY B 60 -11.54 -7.09 -2.07
N LEU B 61 -10.30 -7.52 -2.18
CA LEU B 61 -10.03 -8.88 -2.64
C LEU B 61 -10.29 -9.87 -1.52
N LYS B 62 -11.15 -10.85 -1.82
CA LYS B 62 -11.65 -11.76 -0.82
C LYS B 62 -10.54 -12.45 -0.07
N GLU B 63 -10.63 -12.34 1.27
CA GLU B 63 -9.68 -12.89 2.23
C GLU B 63 -8.23 -12.38 2.16
N LYS B 64 -7.97 -11.36 1.36
CA LYS B 64 -6.60 -10.86 1.27
CA LYS B 64 -6.61 -10.79 1.17
C LYS B 64 -6.37 -9.51 1.97
N ASN B 65 -7.45 -8.91 2.49
CA ASN B 65 -7.36 -7.62 3.20
C ASN B 65 -6.65 -6.58 2.30
N LEU B 66 -7.09 -6.50 1.03
CA LEU B 66 -6.52 -5.59 0.02
C LEU B 66 -7.69 -4.94 -0.63
N TYR B 67 -7.68 -3.60 -0.65
CA TYR B 67 -8.80 -2.79 -1.15
C TYR B 67 -8.38 -2.01 -2.33
N LEU B 68 -9.28 -1.95 -3.32
CA LEU B 68 -9.10 -1.05 -4.45
C LEU B 68 -9.31 0.36 -3.99
N SER B 69 -8.45 1.25 -4.53
CA SER B 69 -8.36 2.62 -4.06
C SER B 69 -8.07 3.53 -5.24
N CYS B 70 -8.74 4.66 -5.26
CA CYS B 70 -8.54 5.66 -6.30
C CYS B 70 -7.73 6.87 -5.86
N VAL B 71 -6.63 7.12 -6.56
CA VAL B 71 -5.72 8.20 -6.20
C VAL B 71 -5.20 8.93 -7.42
N LEU B 72 -4.69 10.11 -7.21
CA LEU B 72 -4.09 10.88 -8.29
CA LEU B 72 -4.09 10.87 -8.29
C LEU B 72 -2.65 10.44 -8.51
N LYS B 73 -2.33 10.06 -9.74
CA LYS B 73 -0.94 9.89 -10.12
C LYS B 73 -0.71 10.59 -11.45
N ASP B 74 0.42 11.28 -11.56
CA ASP B 74 0.66 12.21 -12.69
C ASP B 74 -0.57 13.12 -13.05
N ASP B 75 -1.29 13.57 -12.02
CA ASP B 75 -2.54 14.33 -12.16
C ASP B 75 -3.66 13.56 -12.92
N LYS B 76 -3.66 12.25 -12.80
CA LYS B 76 -4.74 11.48 -13.39
C LYS B 76 -5.28 10.50 -12.35
N PRO B 77 -6.61 10.42 -12.18
CA PRO B 77 -7.15 9.35 -11.33
C PRO B 77 -6.64 7.97 -11.74
N THR B 78 -6.22 7.19 -10.74
CA THR B 78 -5.47 5.96 -10.95
C THR B 78 -5.86 4.97 -9.89
N LEU B 79 -5.89 3.70 -10.28
CA LEU B 79 -6.23 2.63 -9.35
C LEU B 79 -4.97 2.10 -8.62
N GLN B 80 -5.08 1.92 -7.30
CA GLN B 80 -4.04 1.19 -6.53
C GLN B 80 -4.71 0.18 -5.57
N LEU B 81 -3.87 -0.66 -4.99
CA LEU B 81 -4.33 -1.60 -3.99
C LEU B 81 -3.63 -1.26 -2.70
N GLU B 82 -4.41 -1.22 -1.61
CA GLU B 82 -3.82 -0.98 -0.27
C GLU B 82 -4.19 -2.11 0.67
N SER B 83 -3.25 -2.55 1.49
CA SER B 83 -3.56 -3.45 2.60
C SER B 83 -4.32 -2.74 3.66
N VAL B 84 -5.22 -3.47 4.32
CA VAL B 84 -5.98 -2.89 5.44
C VAL B 84 -5.93 -3.82 6.62
N ASP B 85 -6.10 -3.24 7.79
CA ASP B 85 -6.15 -4.05 9.02
C ASP B 85 -7.57 -4.59 9.18
N PRO B 86 -7.74 -5.95 9.20
CA PRO B 86 -9.12 -6.49 9.28
C PRO B 86 -9.81 -6.21 10.63
N LYS B 87 -9.04 -5.77 11.64
CA LYS B 87 -9.64 -5.33 12.90
C LYS B 87 -10.47 -4.07 12.69
N ASN B 88 -10.12 -3.32 11.65
CA ASN B 88 -10.71 -1.99 11.38
C ASN B 88 -11.51 -1.87 10.08
N TYR B 89 -11.26 -2.77 9.14
CA TYR B 89 -11.83 -2.68 7.80
C TYR B 89 -12.42 -4.02 7.41
N PRO B 90 -13.49 -4.01 6.62
CA PRO B 90 -14.20 -2.83 6.11
C PRO B 90 -15.04 -2.15 7.22
N LYS B 91 -15.45 -0.92 6.99
CA LYS B 91 -16.28 -0.15 7.93
C LYS B 91 -17.36 0.62 7.16
N LYS B 92 -18.38 1.12 7.86
CA LYS B 92 -19.48 1.83 7.20
C LYS B 92 -18.98 3.11 6.54
N LYS B 93 -18.16 3.86 7.28
CA LYS B 93 -17.61 5.12 6.78
C LYS B 93 -16.22 4.91 6.20
N MET B 94 -16.14 4.35 4.99
CA MET B 94 -14.88 4.12 4.33
C MET B 94 -14.37 5.43 3.81
N GLU B 95 -13.04 5.64 3.86
CA GLU B 95 -12.47 6.83 3.26
C GLU B 95 -12.84 6.88 1.80
N LYS B 96 -12.98 8.10 1.27
CA LYS B 96 -13.63 8.32 -0.03
C LYS B 96 -12.84 7.69 -1.19
N ARG B 97 -11.52 7.62 -1.07
CA ARG B 97 -10.74 6.95 -2.11
C ARG B 97 -11.11 5.48 -2.36
N PHE B 98 -11.69 4.82 -1.34
CA PHE B 98 -12.10 3.42 -1.45
C PHE B 98 -13.51 3.24 -2.01
N VAL B 99 -14.22 4.34 -2.21
CA VAL B 99 -15.65 4.26 -2.50
C VAL B 99 -15.93 4.34 -4.00
N PHE B 100 -16.73 3.37 -4.47
CA PHE B 100 -17.25 3.38 -5.83
C PHE B 100 -18.75 3.47 -5.78
N ASN B 101 -19.31 4.29 -6.64
CA ASN B 101 -20.77 4.27 -6.86
C ASN B 101 -21.11 3.15 -7.85
N LYS B 102 -21.84 2.16 -7.36
CA LYS B 102 -22.24 1.01 -8.15
C LYS B 102 -23.53 1.37 -8.95
N ILE B 103 -23.44 1.23 -10.27
CA ILE B 103 -24.55 1.53 -11.16
C ILE B 103 -24.83 0.29 -11.96
N GLU B 104 -26.05 -0.24 -11.81
CA GLU B 104 -26.41 -1.45 -12.52
C GLU B 104 -27.49 -1.16 -13.55
N ILE B 105 -27.20 -1.48 -14.81
CA ILE B 105 -28.19 -1.29 -15.90
C ILE B 105 -28.38 -2.60 -16.64
N ASN B 106 -29.58 -3.17 -16.58
CA ASN B 106 -29.86 -4.51 -17.16
C ASN B 106 -28.77 -5.54 -16.84
N ASN B 107 -28.45 -5.63 -15.55
CA ASN B 107 -27.52 -6.67 -15.04
C ASN B 107 -26.05 -6.38 -15.30
N LYS B 108 -25.76 -5.29 -16.01
CA LYS B 108 -24.37 -4.87 -16.24
C LYS B 108 -23.98 -3.75 -15.29
N LEU B 109 -22.89 -3.96 -14.55
CA LEU B 109 -22.48 -3.04 -13.49
C LEU B 109 -21.39 -2.11 -13.99
N GLU B 110 -21.45 -0.84 -13.54
CA GLU B 110 -20.35 0.10 -13.67
C GLU B 110 -19.98 0.58 -12.28
N PHE B 111 -18.71 0.92 -12.11
CA PHE B 111 -18.19 1.36 -10.79
C PHE B 111 -17.50 2.74 -10.94
N GLU B 112 -18.21 3.77 -10.49
CA GLU B 112 -17.74 5.13 -10.64
C GLU B 112 -16.96 5.50 -9.40
N SER B 113 -15.78 6.04 -9.56
CA SER B 113 -15.04 6.57 -8.41
C SER B 113 -15.79 7.68 -7.73
N ALA B 114 -16.03 7.53 -6.42
CA ALA B 114 -16.66 8.63 -5.64
C ALA B 114 -15.71 9.79 -5.43
N GLN B 115 -14.40 9.47 -5.31
CA GLN B 115 -13.37 10.50 -5.11
C GLN B 115 -13.19 11.32 -6.40
N PHE B 116 -13.32 10.63 -7.53
CA PHE B 116 -13.12 11.24 -8.83
C PHE B 116 -14.33 10.98 -9.71
N PRO B 117 -15.38 11.81 -9.54
CA PRO B 117 -16.60 11.61 -10.31
C PRO B 117 -16.33 11.54 -11.82
N ASN B 118 -17.08 10.69 -12.50
CA ASN B 118 -16.99 10.49 -13.96
C ASN B 118 -15.77 9.68 -14.40
N TRP B 119 -15.05 9.12 -13.44
CA TRP B 119 -13.99 8.14 -13.73
C TRP B 119 -14.47 6.80 -13.29
N PHE B 120 -14.26 5.78 -14.15
CA PHE B 120 -14.87 4.44 -13.95
C PHE B 120 -13.85 3.36 -13.94
N LEU B 121 -14.03 2.40 -13.02
CA LEU B 121 -13.25 1.16 -13.03
C LEU B 121 -13.33 0.53 -14.43
N CYS B 122 -12.19 0.12 -14.95
CA CYS B 122 -12.18 -0.37 -16.32
C CYS B 122 -11.10 -1.41 -16.56
N THR B 123 -11.31 -2.21 -17.60
CA THR B 123 -10.29 -3.10 -18.10
C THR B 123 -9.92 -2.69 -19.54
N ALA B 124 -8.75 -3.12 -19.98
CA ALA B 124 -8.36 -2.88 -21.36
C ALA B 124 -9.15 -3.80 -22.24
N MET B 125 -9.38 -3.39 -23.48
CA MET B 125 -9.93 -4.30 -24.45
C MET B 125 -8.99 -5.51 -24.60
N GLU B 126 -7.69 -5.23 -24.56
CA GLU B 126 -6.65 -6.24 -24.60
C GLU B 126 -6.53 -6.99 -23.27
N ALA B 127 -6.24 -8.28 -23.35
CA ALA B 127 -6.15 -9.12 -22.17
C ALA B 127 -4.84 -8.92 -21.41
N ASP B 128 -4.90 -9.11 -20.08
CA ASP B 128 -3.71 -9.19 -19.19
C ASP B 128 -3.04 -7.83 -18.93
N GLN B 129 -3.83 -6.77 -19.07
CA GLN B 129 -3.36 -5.42 -18.80
CA GLN B 129 -3.36 -5.42 -18.80
C GLN B 129 -3.84 -5.01 -17.40
N PRO B 130 -3.16 -4.05 -16.76
CA PRO B 130 -3.67 -3.58 -15.48
C PRO B 130 -5.12 -3.04 -15.53
N VAL B 131 -5.88 -3.37 -14.51
CA VAL B 131 -7.15 -2.70 -14.26
C VAL B 131 -6.87 -1.22 -14.01
N SER B 132 -7.72 -0.35 -14.54
CA SER B 132 -7.49 1.08 -14.42
C SER B 132 -8.79 1.88 -14.12
N LEU B 133 -8.73 3.20 -14.27
CA LEU B 133 -9.90 4.07 -14.27
C LEU B 133 -9.88 4.84 -15.57
N THR B 134 -11.09 5.11 -16.10
CA THR B 134 -11.20 5.95 -17.29
C THR B 134 -12.41 6.89 -17.20
N ASN B 135 -12.27 8.08 -17.79
CA ASN B 135 -13.39 9.03 -17.95
C ASN B 135 -13.97 9.01 -19.36
N MET B 136 -13.62 7.98 -20.11
CA MET B 136 -14.20 7.78 -21.43
C MET B 136 -14.88 6.43 -21.53
N PRO B 137 -16.01 6.22 -20.79
CA PRO B 137 -16.76 4.97 -20.86
C PRO B 137 -17.64 4.89 -22.11
N MET B 142 -11.44 1.40 -23.51
CA MET B 142 -11.52 0.53 -22.32
C MET B 142 -12.92 -0.06 -22.11
N VAL B 143 -12.98 -1.11 -21.31
CA VAL B 143 -14.24 -1.76 -20.95
C VAL B 143 -14.68 -1.36 -19.52
N THR B 144 -15.86 -0.78 -19.38
CA THR B 144 -16.30 -0.30 -18.05
C THR B 144 -17.49 -1.07 -17.50
N LYS B 145 -17.90 -2.15 -18.18
CA LYS B 145 -19.09 -2.88 -17.72
C LYS B 145 -18.74 -4.27 -17.23
N PHE B 146 -19.41 -4.69 -16.17
CA PHE B 146 -19.09 -5.93 -15.47
C PHE B 146 -20.30 -6.71 -15.12
N TYR B 147 -20.10 -8.00 -14.91
CA TYR B 147 -21.12 -8.86 -14.33
C TYR B 147 -20.70 -9.30 -12.94
N MET B 148 -21.67 -9.64 -12.11
CA MET B 148 -21.41 -10.02 -10.74
C MET B 148 -22.29 -11.19 -10.36
N GLN B 149 -21.75 -12.11 -9.57
CA GLN B 149 -22.52 -13.20 -8.99
C GLN B 149 -22.14 -13.34 -7.52
N PHE B 150 -23.13 -13.40 -6.65
CA PHE B 150 -22.87 -13.54 -5.21
C PHE B 150 -22.55 -14.99 -4.83
N VAL B 151 -21.38 -15.20 -4.24
CA VAL B 151 -20.89 -16.54 -3.93
C VAL B 151 -20.90 -16.82 -2.43
#